data_6EX8
#
_entry.id   6EX8
#
_cell.length_a   31.830
_cell.length_b   49.753
_cell.length_c   67.569
_cell.angle_alpha   103.560
_cell.angle_beta   98.890
_cell.angle_gamma   100.810
#
_symmetry.space_group_name_H-M   'P 1'
#
loop_
_entity.id
_entity.type
_entity.pdbx_description
1 polymer 'Cysteine protease'
2 non-polymer (3~{S})-19-chloranyl-~{N}-(1-cyanocyclopropyl)-5-oxidanylidene-9-(trifluoromethyl)-12,17-dioxa-4-azatricyclo[16.2.2.0^{6,11}]docosa-1(21),6(11),7,9,18(22),19-hexaene-3-carboxamide
3 non-polymer 1,2-ETHANEDIOL
4 water water
#
_entity_poly.entity_id   1
_entity_poly.type   'polypeptide(L)'
_entity_poly.pdbx_seq_one_letter_code
;APAAVDWREKGAVTPVKDQGQCGS(CSX)WAFSTIGNIEGQWQVAGNPLVSLSEQMLVSCDTIDFGCGGGLMDNAFNWIV
NSNGGNVFTEASYPYVSGNGEQPQCQMNGHEIGAAITDHVDLPQDEDAIAAYLAENGPLAIAVDATSFMDYNGGILTSCT
SEQLDHGVLLVGYNDASNPPYWIIKNSWSNMWGEDGYIRIEKGTNQCLMNQAVSSAVVGGP
;
_entity_poly.pdbx_strand_id   A,B
#
loop_
_chem_comp.id
_chem_comp.type
_chem_comp.name
_chem_comp.formula
C2K non-polymer (3~{S})-19-chloranyl-~{N}-(1-cyanocyclopropyl)-5-oxidanylidene-9-(trifluoromethyl)-12,17-dioxa-4-azatricyclo[16.2.2.0^{6,11}]docosa-1(21),6(11),7,9,18(22),19-hexaene-3-carboxamide 'C25 H23 Cl F3 N3 O4'
EDO non-polymer 1,2-ETHANEDIOL 'C2 H6 O2'
#
# COMPACT_ATOMS: atom_id res chain seq x y z
N ALA A 1 -0.95 -27.96 -21.94
CA ALA A 1 -1.08 -26.45 -21.95
C ALA A 1 0.11 -25.80 -22.67
N PRO A 2 0.07 -24.50 -22.90
CA PRO A 2 1.20 -23.82 -23.55
C PRO A 2 2.45 -23.91 -22.67
N ALA A 3 3.62 -23.74 -23.32
CA ALA A 3 4.91 -23.75 -22.59
C ALA A 3 4.95 -22.62 -21.56
N ALA A 4 4.25 -21.53 -21.80
CA ALA A 4 4.26 -20.41 -20.86
C ALA A 4 3.02 -19.58 -20.98
N VAL A 5 2.61 -19.00 -19.84
CA VAL A 5 1.45 -18.16 -19.80
C VAL A 5 1.78 -17.02 -18.85
N ASP A 6 1.55 -15.79 -19.26
CA ASP A 6 1.68 -14.64 -18.36
C ASP A 6 0.52 -13.68 -18.61
N TRP A 7 -0.51 -13.75 -17.74
CA TRP A 7 -1.67 -12.97 -17.95
C TRP A 7 -1.40 -11.45 -17.76
N ARG A 8 -0.32 -11.08 -17.13
CA ARG A 8 0.00 -9.66 -17.01
C ARG A 8 0.24 -8.99 -18.40
N GLU A 9 0.80 -9.72 -19.34
CA GLU A 9 1.12 -9.21 -20.71
C GLU A 9 -0.10 -8.93 -21.56
N LYS A 10 -1.17 -9.63 -21.20
CA LYS A 10 -2.41 -9.64 -21.95
C LYS A 10 -3.42 -8.67 -21.37
N GLY A 11 -3.05 -7.95 -20.32
CA GLY A 11 -3.93 -6.95 -19.81
C GLY A 11 -4.98 -7.46 -18.87
N ALA A 12 -4.77 -8.65 -18.30
CA ALA A 12 -5.80 -9.25 -17.44
C ALA A 12 -5.49 -9.05 -15.93
N VAL A 13 -4.43 -8.30 -15.60
CA VAL A 13 -3.97 -8.19 -14.22
C VAL A 13 -3.70 -6.72 -13.92
N THR A 14 -4.36 -6.22 -12.88
CA THR A 14 -4.20 -4.82 -12.45
C THR A 14 -2.88 -4.65 -11.68
N PRO A 15 -2.51 -3.41 -11.41
CA PRO A 15 -1.27 -3.25 -10.63
C PRO A 15 -1.38 -3.82 -9.22
N VAL A 16 -0.21 -4.17 -8.70
CA VAL A 16 -0.08 -4.73 -7.37
C VAL A 16 -0.71 -3.73 -6.34
N LYS A 17 -1.41 -4.32 -5.40
CA LYS A 17 -2.12 -3.64 -4.36
C LYS A 17 -1.51 -4.00 -3.00
N ASP A 18 -2.07 -3.37 -2.00
CA ASP A 18 -1.53 -3.40 -0.66
C ASP A 18 -2.65 -3.56 0.37
N GLN A 19 -2.70 -4.73 1.00
CA GLN A 19 -3.75 -4.97 1.96
C GLN A 19 -3.49 -4.19 3.26
N GLY A 20 -2.25 -3.76 3.47
CA GLY A 20 -1.86 -3.01 4.71
C GLY A 20 -2.08 -3.81 5.99
N GLN A 21 -2.49 -3.17 7.07
CA GLN A 21 -2.63 -3.80 8.38
CA GLN A 21 -2.63 -3.86 8.40
C GLN A 21 -4.06 -4.34 8.57
N CYS A 22 -4.40 -5.31 7.79
CA CYS A 22 -5.75 -5.88 7.72
C CYS A 22 -5.59 -7.26 7.18
N GLY A 23 -6.27 -8.25 7.78
CA GLY A 23 -6.16 -9.58 7.27
C GLY A 23 -7.13 -9.88 6.12
N SER A 24 -6.95 -9.17 5.01
CA SER A 24 -7.89 -9.18 3.92
C SER A 24 -7.26 -9.82 2.68
N CSX A 25 -6.19 -10.58 2.83
CA CSX A 25 -5.63 -11.39 1.71
CA CSX A 25 -5.61 -11.31 1.67
CB CSX A 25 -4.60 -12.43 2.18
CB CSX A 25 -4.32 -12.07 2.06
SG CSX A 25 -5.18 -13.65 3.29
SG CSX A 25 -4.67 -13.29 3.22
C CSX A 25 -6.69 -12.10 0.91
O CSX A 25 -6.67 -12.15 -0.35
OD CSX A 25 -3.86 -14.15 3.81
OD CSX A 25 -5.37 -14.30 2.36
N TRP A 26 -7.66 -12.70 1.60
CA TRP A 26 -8.73 -13.46 0.97
C TRP A 26 -9.56 -12.63 -0.02
N ALA A 27 -9.75 -11.38 0.34
CA ALA A 27 -10.48 -10.47 -0.52
C ALA A 27 -9.64 -10.02 -1.72
N PHE A 28 -8.37 -9.75 -1.52
CA PHE A 28 -7.48 -9.46 -2.62
C PHE A 28 -7.38 -10.60 -3.63
N SER A 29 -7.26 -11.82 -3.13
CA SER A 29 -7.23 -12.98 -4.01
C SER A 29 -8.53 -13.14 -4.85
N THR A 30 -9.68 -12.97 -4.17
CA THR A 30 -10.99 -13.07 -4.80
C THR A 30 -11.08 -12.04 -5.93
N ILE A 31 -10.82 -10.80 -5.54
CA ILE A 31 -10.96 -9.66 -6.47
C ILE A 31 -10.00 -9.77 -7.65
N GLY A 32 -8.74 -10.15 -7.40
CA GLY A 32 -7.82 -10.31 -8.48
C GLY A 32 -8.26 -11.41 -9.45
N ASN A 33 -8.85 -12.48 -8.94
CA ASN A 33 -9.37 -13.51 -9.81
C ASN A 33 -10.56 -12.99 -10.65
N ILE A 34 -11.47 -12.26 -10.01
CA ILE A 34 -12.55 -11.73 -10.75
C ILE A 34 -12.04 -10.70 -11.81
N GLU A 35 -11.11 -9.79 -11.45
CA GLU A 35 -10.59 -8.84 -12.42
C GLU A 35 -10.05 -9.52 -13.67
N GLY A 36 -9.35 -10.64 -13.42
CA GLY A 36 -8.79 -11.48 -14.45
C GLY A 36 -9.81 -12.20 -15.30
N GLN A 37 -10.75 -12.88 -14.66
CA GLN A 37 -11.72 -13.65 -15.41
C GLN A 37 -12.62 -12.74 -16.25
N TRP A 38 -13.00 -11.57 -15.68
CA TRP A 38 -13.80 -10.60 -16.37
C TRP A 38 -13.09 -10.07 -17.64
N GLN A 39 -11.80 -9.74 -17.50
CA GLN A 39 -11.11 -9.19 -18.66
C GLN A 39 -10.96 -10.28 -19.75
N VAL A 40 -10.62 -11.51 -19.35
CA VAL A 40 -10.37 -12.57 -20.32
C VAL A 40 -11.65 -12.99 -21.07
N ALA A 41 -12.78 -12.81 -20.46
CA ALA A 41 -14.06 -13.05 -21.08
C ALA A 41 -14.44 -11.99 -22.13
N GLY A 42 -13.64 -10.94 -22.28
CA GLY A 42 -13.75 -10.00 -23.43
C GLY A 42 -14.12 -8.60 -23.01
N ASN A 43 -13.93 -8.23 -21.75
CA ASN A 43 -14.32 -6.89 -21.22
C ASN A 43 -13.01 -6.12 -20.97
N PRO A 44 -13.03 -4.80 -21.02
CA PRO A 44 -11.85 -3.99 -20.66
C PRO A 44 -11.47 -4.16 -19.19
N LEU A 45 -10.14 -4.23 -18.93
CA LEU A 45 -9.67 -4.39 -17.56
C LEU A 45 -10.29 -3.27 -16.73
N VAL A 46 -10.81 -3.67 -15.58
CA VAL A 46 -11.27 -2.73 -14.55
C VAL A 46 -10.81 -3.19 -13.17
N SER A 47 -10.30 -2.22 -12.37
CA SER A 47 -9.93 -2.52 -10.99
C SER A 47 -11.22 -2.62 -10.13
N LEU A 48 -11.33 -3.67 -9.33
CA LEU A 48 -12.54 -3.95 -8.55
C LEU A 48 -12.20 -3.79 -7.04
N SER A 49 -13.27 -3.82 -6.25
CA SER A 49 -13.22 -3.36 -4.89
C SER A 49 -13.08 -4.49 -3.84
N GLU A 50 -11.91 -4.55 -3.23
CA GLU A 50 -11.67 -5.36 -2.00
C GLU A 50 -12.51 -4.84 -0.82
N GLN A 51 -12.71 -3.53 -0.75
CA GLN A 51 -13.38 -2.90 0.36
C GLN A 51 -14.81 -3.39 0.45
N MET A 52 -15.43 -3.61 -0.72
CA MET A 52 -16.71 -4.17 -0.75
C MET A 52 -16.73 -5.46 0.05
N LEU A 53 -15.76 -6.35 -0.17
CA LEU A 53 -15.82 -7.62 0.54
C LEU A 53 -15.54 -7.41 2.04
N VAL A 54 -14.48 -6.68 2.33
CA VAL A 54 -14.09 -6.46 3.73
C VAL A 54 -15.26 -5.95 4.53
N SER A 55 -15.99 -4.98 3.97
CA SER A 55 -17.03 -4.26 4.71
C SER A 55 -18.37 -4.93 4.62
N CYS A 56 -18.66 -5.59 3.50
CA CYS A 56 -20.04 -6.06 3.27
C CYS A 56 -20.26 -7.52 3.32
N ASP A 57 -19.22 -8.33 3.14
CA ASP A 57 -19.38 -9.82 3.09
C ASP A 57 -19.56 -10.34 4.51
N THR A 58 -20.79 -10.81 4.77
CA THR A 58 -21.23 -11.26 6.07
C THR A 58 -20.85 -12.70 6.38
N ILE A 59 -20.37 -13.44 5.36
CA ILE A 59 -19.92 -14.77 5.59
C ILE A 59 -18.52 -14.76 6.19
N ASP A 60 -17.67 -14.00 5.58
CA ASP A 60 -16.28 -13.79 5.99
C ASP A 60 -16.19 -12.76 7.17
N PHE A 61 -14.96 -12.48 7.64
CA PHE A 61 -14.75 -11.76 8.92
C PHE A 61 -13.97 -10.45 8.76
N GLY A 62 -14.11 -9.85 7.61
CA GLY A 62 -13.45 -8.58 7.34
C GLY A 62 -11.94 -8.68 7.50
N CYS A 63 -11.33 -7.74 8.25
CA CYS A 63 -9.91 -7.79 8.50
C CYS A 63 -9.52 -8.96 9.43
N GLY A 64 -10.47 -9.67 10.00
CA GLY A 64 -10.11 -10.86 10.76
C GLY A 64 -9.89 -12.12 9.92
N GLY A 65 -10.19 -12.06 8.62
CA GLY A 65 -9.87 -13.10 7.71
C GLY A 65 -11.05 -13.62 6.96
N GLY A 66 -10.80 -14.55 6.06
CA GLY A 66 -11.86 -15.10 5.21
C GLY A 66 -11.40 -16.14 4.23
N LEU A 67 -12.33 -16.59 3.38
CA LEU A 67 -12.04 -17.57 2.36
C LEU A 67 -12.57 -17.13 1.03
N MET A 68 -11.80 -17.39 -0.03
CA MET A 68 -12.22 -16.93 -1.38
C MET A 68 -13.55 -17.58 -1.78
N ASP A 69 -13.75 -18.87 -1.45
CA ASP A 69 -15.00 -19.53 -1.80
C ASP A 69 -16.17 -18.84 -1.09
N ASN A 70 -15.98 -18.39 0.16
CA ASN A 70 -17.05 -17.71 0.85
C ASN A 70 -17.36 -16.39 0.17
N ALA A 71 -16.31 -15.68 -0.27
CA ALA A 71 -16.51 -14.38 -0.94
C ALA A 71 -17.28 -14.56 -2.26
N PHE A 72 -16.89 -15.53 -3.06
CA PHE A 72 -17.62 -15.84 -4.30
C PHE A 72 -19.11 -16.11 -3.98
N ASN A 73 -19.37 -16.92 -2.98
CA ASN A 73 -20.72 -17.20 -2.60
C ASN A 73 -21.51 -15.94 -2.18
N TRP A 74 -20.90 -15.09 -1.35
CA TRP A 74 -21.50 -13.82 -0.98
C TRP A 74 -21.84 -12.94 -2.18
N ILE A 75 -20.90 -12.81 -3.08
CA ILE A 75 -21.09 -11.94 -4.28
C ILE A 75 -22.32 -12.43 -5.04
N VAL A 76 -22.41 -13.74 -5.27
CA VAL A 76 -23.49 -14.27 -6.07
C VAL A 76 -24.80 -14.25 -5.32
N ASN A 77 -24.79 -14.70 -4.07
CA ASN A 77 -26.09 -14.92 -3.37
C ASN A 77 -26.59 -13.73 -2.59
N SER A 78 -25.73 -12.79 -2.25
CA SER A 78 -26.05 -11.61 -1.56
C SER A 78 -25.95 -10.32 -2.35
N ASN A 79 -25.17 -10.30 -3.44
CA ASN A 79 -25.01 -9.10 -4.22
C ASN A 79 -25.33 -9.21 -5.70
N GLY A 80 -26.12 -10.20 -6.01
CA GLY A 80 -26.66 -10.40 -7.37
C GLY A 80 -25.56 -10.66 -8.38
N GLY A 81 -24.37 -11.11 -7.93
CA GLY A 81 -23.30 -11.38 -8.82
C GLY A 81 -22.40 -10.17 -9.03
N ASN A 82 -22.80 -9.02 -8.49
CA ASN A 82 -22.13 -7.77 -8.86
C ASN A 82 -20.92 -7.41 -7.98
N VAL A 83 -19.97 -6.78 -8.61
CA VAL A 83 -18.75 -6.32 -7.97
C VAL A 83 -18.49 -4.88 -8.31
N PHE A 84 -18.39 -4.09 -7.22
CA PHE A 84 -18.08 -2.68 -7.38
C PHE A 84 -16.67 -2.36 -7.82
N THR A 85 -16.56 -1.24 -8.49
CA THR A 85 -15.24 -0.79 -8.88
C THR A 85 -14.39 -0.27 -7.72
N GLU A 86 -13.09 -0.39 -7.85
CA GLU A 86 -12.13 0.13 -6.90
CA GLU A 86 -12.18 0.13 -6.84
C GLU A 86 -12.27 1.65 -6.85
N ALA A 87 -12.37 2.30 -8.04
CA ALA A 87 -12.42 3.77 -8.09
C ALA A 87 -13.58 4.29 -7.29
N SER A 88 -14.72 3.57 -7.33
CA SER A 88 -15.96 3.99 -6.64
C SER A 88 -16.11 3.51 -5.26
N TYR A 89 -15.26 2.50 -4.86
CA TYR A 89 -15.31 1.98 -3.50
C TYR A 89 -13.86 1.70 -3.05
N PRO A 90 -13.11 2.71 -2.71
CA PRO A 90 -11.67 2.56 -2.52
C PRO A 90 -11.36 1.76 -1.22
N TYR A 91 -10.17 1.16 -1.22
CA TYR A 91 -9.68 0.43 -0.10
C TYR A 91 -9.14 1.41 0.93
N VAL A 92 -9.78 1.41 2.08
CA VAL A 92 -9.44 2.30 3.16
C VAL A 92 -9.04 1.53 4.44
N SER A 93 -9.09 0.20 4.44
CA SER A 93 -8.82 -0.60 5.61
C SER A 93 -7.32 -0.94 5.82
N GLY A 94 -6.40 -0.33 5.09
CA GLY A 94 -4.97 -0.50 5.23
C GLY A 94 -4.44 -0.13 6.61
N ASN A 95 -5.15 0.75 7.31
CA ASN A 95 -4.80 1.13 8.68
C ASN A 95 -5.49 0.20 9.67
N GLY A 96 -6.25 -0.80 9.20
CA GLY A 96 -7.00 -1.77 10.06
C GLY A 96 -8.38 -1.36 10.56
N GLU A 97 -8.80 -0.15 10.24
CA GLU A 97 -10.12 0.33 10.64
C GLU A 97 -11.11 -0.25 9.65
N GLN A 98 -12.29 -0.58 10.09
CA GLN A 98 -13.24 -1.16 9.20
C GLN A 98 -14.54 -0.35 9.14
N PRO A 99 -14.67 0.52 8.12
CA PRO A 99 -15.97 1.20 8.03
C PRO A 99 -17.12 0.25 7.82
N GLN A 100 -18.34 0.72 8.12
CA GLN A 100 -19.47 -0.07 7.86
C GLN A 100 -19.68 -0.22 6.31
N CYS A 101 -20.43 -1.28 5.97
CA CYS A 101 -20.81 -1.61 4.58
C CYS A 101 -21.51 -0.39 4.01
N GLN A 102 -21.00 0.15 2.91
CA GLN A 102 -21.71 1.21 2.16
C GLN A 102 -22.17 0.63 0.81
N MET A 103 -23.48 0.52 0.60
CA MET A 103 -23.98 -0.05 -0.66
C MET A 103 -24.27 1.03 -1.73
N ASN A 104 -24.38 2.26 -1.30
CA ASN A 104 -24.67 3.39 -2.14
C ASN A 104 -23.40 4.08 -2.65
N GLY A 105 -23.51 4.75 -3.76
CA GLY A 105 -22.47 5.65 -4.20
C GLY A 105 -21.39 5.02 -5.00
N HIS A 106 -21.69 3.84 -5.53
CA HIS A 106 -20.72 3.05 -6.29
C HIS A 106 -21.16 2.73 -7.67
N GLU A 107 -20.18 2.26 -8.46
CA GLU A 107 -20.45 1.76 -9.82
C GLU A 107 -20.13 0.27 -9.85
N ILE A 108 -20.93 -0.49 -10.58
CA ILE A 108 -20.65 -1.96 -10.75
C ILE A 108 -19.66 -2.09 -11.89
N GLY A 109 -18.52 -2.75 -11.65
CA GLY A 109 -17.46 -2.91 -12.66
C GLY A 109 -17.53 -4.27 -13.34
N ALA A 110 -18.09 -5.26 -12.67
CA ALA A 110 -18.10 -6.68 -13.14
C ALA A 110 -19.18 -7.47 -12.51
N ALA A 111 -19.47 -8.58 -13.13
CA ALA A 111 -20.51 -9.50 -12.60
C ALA A 111 -20.05 -10.92 -12.82
N ILE A 112 -20.33 -11.76 -11.84
CA ILE A 112 -19.99 -13.16 -11.93
C ILE A 112 -21.29 -13.96 -11.74
N THR A 113 -21.28 -15.21 -12.20
CA THR A 113 -22.47 -16.08 -12.04
C THR A 113 -22.33 -17.31 -11.13
N ASP A 114 -21.10 -17.67 -10.85
CA ASP A 114 -20.85 -18.80 -10.03
C ASP A 114 -19.37 -18.82 -9.72
N HIS A 115 -18.94 -19.91 -9.12
CA HIS A 115 -17.46 -20.18 -8.96
C HIS A 115 -17.22 -21.66 -9.05
N VAL A 116 -15.95 -22.06 -9.27
CA VAL A 116 -15.55 -23.40 -9.33
C VAL A 116 -14.34 -23.61 -8.47
N ASP A 117 -14.20 -24.84 -7.99
CA ASP A 117 -13.08 -25.26 -7.25
C ASP A 117 -12.31 -26.26 -8.12
N LEU A 118 -11.02 -26.07 -8.27
CA LEU A 118 -10.24 -26.91 -9.16
C LEU A 118 -9.71 -28.09 -8.37
N PRO A 119 -9.42 -29.18 -9.06
CA PRO A 119 -8.79 -30.32 -8.40
C PRO A 119 -7.39 -30.00 -7.93
N GLN A 120 -6.92 -30.85 -7.00
CA GLN A 120 -5.62 -30.62 -6.44
C GLN A 120 -4.57 -31.24 -7.38
N ASP A 121 -4.33 -30.56 -8.48
CA ASP A 121 -3.51 -31.18 -9.57
C ASP A 121 -2.93 -30.04 -10.35
N GLU A 122 -1.63 -29.91 -10.28
CA GLU A 122 -0.92 -28.79 -10.97
C GLU A 122 -1.17 -28.69 -12.51
N ASP A 123 -1.29 -29.80 -13.20
CA ASP A 123 -1.58 -29.77 -14.61
C ASP A 123 -3.04 -29.32 -14.88
N ALA A 124 -4.00 -29.75 -14.06
CA ALA A 124 -5.40 -29.22 -14.23
C ALA A 124 -5.48 -27.72 -13.99
N ILE A 125 -4.71 -27.28 -13.01
CA ILE A 125 -4.67 -25.87 -12.65
C ILE A 125 -4.05 -25.05 -13.79
N ALA A 126 -2.93 -25.55 -14.35
CA ALA A 126 -2.28 -24.86 -15.48
C ALA A 126 -3.22 -24.73 -16.68
N ALA A 127 -3.93 -25.79 -17.03
CA ALA A 127 -4.81 -25.76 -18.17
C ALA A 127 -5.96 -24.76 -18.00
N TYR A 128 -6.54 -24.77 -16.80
CA TYR A 128 -7.65 -23.87 -16.47
C TYR A 128 -7.18 -22.45 -16.52
N LEU A 129 -6.06 -22.19 -15.90
CA LEU A 129 -5.37 -20.90 -15.97
C LEU A 129 -5.12 -20.39 -17.38
N ALA A 130 -4.61 -21.29 -18.22
CA ALA A 130 -4.26 -20.92 -19.58
C ALA A 130 -5.51 -20.57 -20.39
N GLU A 131 -6.63 -21.21 -20.11
CA GLU A 131 -7.86 -21.02 -20.90
C GLU A 131 -8.66 -19.83 -20.37
N ASN A 132 -8.62 -19.62 -19.03
CA ASN A 132 -9.69 -18.77 -18.37
C ASN A 132 -9.16 -17.51 -17.72
N GLY A 133 -7.91 -17.51 -17.35
CA GLY A 133 -7.34 -16.32 -16.72
C GLY A 133 -6.86 -16.61 -15.28
N PRO A 134 -6.37 -15.61 -14.58
CA PRO A 134 -5.76 -15.70 -13.23
C PRO A 134 -6.70 -16.35 -12.22
N LEU A 135 -6.10 -17.15 -11.32
CA LEU A 135 -6.88 -18.01 -10.39
C LEU A 135 -6.60 -17.62 -8.95
N ALA A 136 -7.62 -17.75 -8.11
CA ALA A 136 -7.40 -17.60 -6.67
C ALA A 136 -6.81 -18.83 -6.07
N ILE A 137 -5.72 -18.67 -5.34
CA ILE A 137 -5.10 -19.83 -4.69
C ILE A 137 -4.77 -19.51 -3.23
N ALA A 138 -4.52 -20.57 -2.46
CA ALA A 138 -4.02 -20.41 -1.09
C ALA A 138 -2.68 -21.06 -1.05
N VAL A 139 -1.78 -20.47 -0.23
CA VAL A 139 -0.45 -21.01 0.01
C VAL A 139 -0.10 -21.05 1.46
N ASP A 140 0.93 -21.86 1.78
CA ASP A 140 1.68 -21.69 3.01
C ASP A 140 2.64 -20.51 2.77
N ALA A 141 2.43 -19.36 3.44
CA ALA A 141 3.25 -18.22 3.20
C ALA A 141 4.49 -18.03 4.12
N THR A 142 4.85 -19.05 4.90
CA THR A 142 5.97 -19.02 5.84
C THR A 142 7.25 -18.56 5.11
N SER A 143 7.53 -19.17 3.96
CA SER A 143 8.65 -18.78 3.11
C SER A 143 8.52 -17.40 2.39
N PHE A 144 7.32 -16.83 2.35
CA PHE A 144 7.15 -15.52 1.70
C PHE A 144 7.76 -14.39 2.52
N MET A 145 7.81 -14.55 3.82
CA MET A 145 8.22 -13.51 4.73
C MET A 145 9.62 -13.06 4.46
N ASP A 146 10.53 -13.96 4.14
CA ASP A 146 11.91 -13.58 3.89
C ASP A 146 12.31 -13.56 2.41
N TYR A 147 11.33 -13.57 1.52
CA TYR A 147 11.63 -13.64 0.08
C TYR A 147 12.10 -12.30 -0.44
N ASN A 148 13.19 -12.31 -1.21
CA ASN A 148 13.73 -11.15 -1.88
C ASN A 148 13.94 -11.33 -3.38
N GLY A 149 13.36 -12.34 -4.01
CA GLY A 149 13.60 -12.57 -5.42
C GLY A 149 14.07 -13.99 -5.74
N GLY A 150 13.90 -14.39 -7.00
CA GLY A 150 14.29 -15.73 -7.44
C GLY A 150 13.15 -16.69 -7.44
N ILE A 151 13.41 -17.92 -7.86
CA ILE A 151 12.44 -18.99 -7.83
C ILE A 151 12.61 -19.79 -6.53
N LEU A 152 11.54 -19.84 -5.71
CA LEU A 152 11.49 -20.66 -4.51
C LEU A 152 11.40 -22.15 -4.84
N THR A 153 12.33 -22.92 -4.31
CA THR A 153 12.39 -24.34 -4.62
C THR A 153 12.27 -25.25 -3.39
N SER A 154 12.41 -24.69 -2.19
CA SER A 154 12.21 -25.46 -0.97
C SER A 154 11.26 -24.67 -0.06
N CYS A 155 10.11 -24.29 -0.61
CA CYS A 155 9.15 -23.48 0.13
C CYS A 155 8.59 -24.32 1.28
N THR A 156 8.49 -23.80 2.50
CA THR A 156 7.74 -24.50 3.55
C THR A 156 6.28 -24.75 3.13
N SER A 157 5.85 -26.00 3.30
CA SER A 157 4.60 -26.51 2.74
C SER A 157 3.94 -27.35 3.76
N GLU A 158 3.52 -26.73 4.85
CA GLU A 158 2.94 -27.44 5.97
C GLU A 158 1.49 -27.05 6.23
N GLN A 159 1.13 -25.78 6.08
CA GLN A 159 -0.22 -25.36 6.40
C GLN A 159 -0.59 -24.12 5.59
N LEU A 160 -1.73 -24.20 4.93
CA LEU A 160 -2.22 -23.04 4.16
C LEU A 160 -2.54 -21.90 5.12
N ASP A 161 -2.20 -20.69 4.73
CA ASP A 161 -2.53 -19.54 5.55
C ASP A 161 -2.65 -18.18 4.82
N HIS A 162 -2.58 -18.18 3.50
CA HIS A 162 -2.58 -16.92 2.80
C HIS A 162 -3.18 -17.09 1.42
N GLY A 163 -4.08 -16.19 1.02
CA GLY A 163 -4.67 -16.17 -0.30
C GLY A 163 -3.91 -15.24 -1.22
N VAL A 164 -3.62 -15.70 -2.43
CA VAL A 164 -2.86 -14.97 -3.44
C VAL A 164 -3.47 -15.20 -4.82
N LEU A 165 -2.85 -14.65 -5.86
CA LEU A 165 -3.38 -14.75 -7.24
C LEU A 165 -2.35 -15.37 -8.14
N LEU A 166 -2.72 -16.46 -8.76
CA LEU A 166 -1.87 -17.19 -9.70
C LEU A 166 -2.09 -16.59 -11.09
N VAL A 167 -1.03 -16.02 -11.69
CA VAL A 167 -1.16 -15.24 -12.93
C VAL A 167 -0.50 -15.84 -14.17
N GLY A 168 0.36 -16.80 -13.93
CA GLY A 168 1.06 -17.44 -15.00
C GLY A 168 2.03 -18.47 -14.57
N TYR A 169 2.81 -18.95 -15.57
CA TYR A 169 3.87 -19.93 -15.33
C TYR A 169 4.80 -19.91 -16.52
N ASN A 170 5.95 -20.50 -16.33
CA ASN A 170 6.92 -20.70 -17.42
C ASN A 170 7.55 -22.09 -17.28
N ASP A 171 7.22 -22.97 -18.19
CA ASP A 171 7.79 -24.33 -18.18
C ASP A 171 9.18 -24.34 -18.83
N ALA A 172 9.54 -23.29 -19.57
CA ALA A 172 10.82 -23.31 -20.31
C ALA A 172 11.84 -22.53 -19.47
N SER A 173 11.99 -22.94 -18.23
CA SER A 173 12.92 -22.36 -17.33
C SER A 173 13.44 -23.54 -16.57
N ASN A 174 14.64 -23.40 -16.05
CA ASN A 174 15.28 -24.40 -15.23
C ASN A 174 15.45 -23.77 -13.89
N PRO A 175 14.57 -24.05 -12.95
CA PRO A 175 13.39 -24.90 -13.01
C PRO A 175 12.15 -24.13 -13.51
N PRO A 176 11.10 -24.88 -13.90
CA PRO A 176 9.83 -24.34 -14.28
C PRO A 176 9.23 -23.60 -13.10
N TYR A 177 8.46 -22.54 -13.33
CA TYR A 177 7.90 -21.84 -12.22
C TYR A 177 6.49 -21.32 -12.46
N TRP A 178 5.80 -21.11 -11.35
CA TRP A 178 4.51 -20.36 -11.33
C TRP A 178 4.81 -18.88 -10.99
N ILE A 179 3.96 -17.97 -11.48
CA ILE A 179 4.02 -16.56 -11.20
C ILE A 179 2.81 -16.19 -10.35
N ILE A 180 3.08 -15.64 -9.14
CA ILE A 180 2.06 -15.32 -8.14
C ILE A 180 2.10 -13.82 -7.79
N LYS A 181 0.95 -13.18 -7.88
CA LYS A 181 0.73 -11.78 -7.47
C LYS A 181 0.31 -11.77 -5.98
N ASN A 182 1.13 -11.09 -5.16
CA ASN A 182 0.86 -10.89 -3.76
C ASN A 182 0.20 -9.51 -3.55
N SER A 183 -0.34 -9.28 -2.37
CA SER A 183 -1.10 -8.09 -1.97
C SER A 183 -0.34 -7.38 -0.82
N TRP A 184 0.99 -7.34 -0.93
CA TRP A 184 1.88 -6.74 0.09
C TRP A 184 2.65 -5.56 -0.49
N SER A 185 2.08 -4.90 -1.50
CA SER A 185 2.72 -3.79 -2.19
C SER A 185 3.77 -4.24 -3.18
N ASN A 186 4.17 -3.32 -4.06
CA ASN A 186 5.24 -3.67 -5.04
C ASN A 186 6.63 -3.53 -4.47
N MET A 187 6.73 -3.22 -3.17
CA MET A 187 8.04 -3.21 -2.49
C MET A 187 8.42 -4.56 -1.93
N TRP A 188 7.53 -5.53 -1.95
CA TRP A 188 7.82 -6.86 -1.52
C TRP A 188 8.14 -7.74 -2.76
N GLY A 189 9.13 -8.59 -2.68
CA GLY A 189 9.37 -9.57 -3.73
C GLY A 189 9.85 -8.95 -5.00
N GLU A 190 9.43 -9.52 -6.14
CA GLU A 190 9.84 -9.05 -7.47
C GLU A 190 8.72 -8.13 -7.89
N ASP A 191 8.85 -6.92 -7.37
CA ASP A 191 7.85 -5.85 -7.57
C ASP A 191 6.43 -6.32 -7.23
N GLY A 192 6.33 -7.08 -6.18
CA GLY A 192 5.05 -7.49 -5.67
C GLY A 192 4.67 -8.92 -6.02
N TYR A 193 5.52 -9.57 -6.83
CA TYR A 193 5.30 -10.93 -7.30
C TYR A 193 6.28 -11.87 -6.70
N ILE A 194 5.97 -13.16 -6.78
CA ILE A 194 6.92 -14.19 -6.38
C ILE A 194 6.85 -15.31 -7.43
N ARG A 195 8.00 -15.97 -7.65
CA ARG A 195 8.01 -17.14 -8.48
C ARG A 195 8.30 -18.32 -7.57
N ILE A 196 7.54 -19.41 -7.77
CA ILE A 196 7.77 -20.64 -7.08
C ILE A 196 7.86 -21.79 -8.05
N GLU A 197 8.66 -22.80 -7.73
CA GLU A 197 8.81 -23.89 -8.67
CA GLU A 197 8.84 -23.96 -8.59
C GLU A 197 7.47 -24.57 -8.94
N LYS A 198 7.26 -24.94 -10.21
CA LYS A 198 6.07 -25.65 -10.70
C LYS A 198 6.40 -27.17 -10.85
N GLY A 199 5.53 -28.00 -10.28
CA GLY A 199 5.57 -29.47 -10.48
C GLY A 199 5.82 -30.21 -9.18
N THR A 200 6.12 -29.47 -8.11
CA THR A 200 6.51 -30.04 -6.80
C THR A 200 5.58 -29.61 -5.63
N ASN A 201 4.38 -29.16 -5.99
CA ASN A 201 3.43 -28.55 -5.07
C ASN A 201 4.00 -27.61 -4.02
N GLN A 202 4.84 -26.73 -4.49
CA GLN A 202 5.47 -25.77 -3.61
C GLN A 202 4.46 -24.94 -2.85
N CYS A 203 4.67 -24.83 -1.53
CA CYS A 203 3.86 -23.97 -0.65
C CYS A 203 2.41 -24.49 -0.59
N LEU A 204 2.17 -25.75 -1.00
CA LEU A 204 0.84 -26.35 -1.07
C LEU A 204 -0.07 -25.62 -1.98
N MET A 205 0.51 -25.07 -3.05
CA MET A 205 -0.20 -24.24 -4.01
C MET A 205 -1.40 -24.92 -4.70
N ASN A 206 -1.38 -26.25 -4.77
CA ASN A 206 -2.45 -26.93 -5.44
C ASN A 206 -3.67 -27.22 -4.61
N GLN A 207 -3.69 -26.84 -3.33
CA GLN A 207 -4.62 -27.44 -2.40
CA GLN A 207 -4.61 -27.45 -2.40
C GLN A 207 -5.99 -26.80 -2.41
N ALA A 208 -6.05 -25.52 -2.72
CA ALA A 208 -7.31 -24.74 -2.61
C ALA A 208 -7.36 -23.65 -3.69
N VAL A 209 -7.45 -24.13 -4.92
CA VAL A 209 -7.53 -23.25 -6.09
C VAL A 209 -8.94 -23.09 -6.53
N SER A 210 -9.37 -21.85 -6.75
CA SER A 210 -10.72 -21.62 -7.16
C SER A 210 -10.83 -20.49 -8.15
N SER A 211 -11.99 -20.34 -8.77
CA SER A 211 -12.24 -19.23 -9.66
C SER A 211 -13.72 -18.89 -9.79
N ALA A 212 -13.95 -17.59 -9.96
CA ALA A 212 -15.24 -17.15 -10.41
C ALA A 212 -15.48 -17.57 -11.82
N VAL A 213 -16.74 -17.69 -12.17
CA VAL A 213 -17.25 -17.89 -13.54
C VAL A 213 -17.95 -16.66 -14.00
N VAL A 214 -17.52 -16.16 -15.14
CA VAL A 214 -18.18 -15.03 -15.80
C VAL A 214 -19.12 -15.51 -16.93
N GLY A 215 -20.35 -15.01 -16.93
CA GLY A 215 -21.26 -15.22 -18.07
C GLY A 215 -21.73 -16.65 -18.15
N GLY A 216 -21.69 -17.35 -17.02
CA GLY A 216 -22.13 -18.76 -16.98
C GLY A 216 -23.65 -18.90 -16.98
N PRO A 217 -24.13 -20.18 -16.98
CA PRO A 217 -25.55 -20.48 -16.74
C PRO A 217 -26.16 -19.66 -15.59
N ALA B 1 17.96 18.88 25.27
CA ALA B 1 17.43 17.84 24.34
C ALA B 1 17.54 16.48 25.02
N PRO B 2 16.45 15.71 25.02
CA PRO B 2 16.55 14.38 25.56
C PRO B 2 17.56 13.53 24.78
N ALA B 3 18.00 12.41 25.38
CA ALA B 3 18.91 11.48 24.70
C ALA B 3 18.17 10.76 23.58
N ALA B 4 16.86 10.65 23.67
CA ALA B 4 16.05 9.97 22.66
C ALA B 4 14.66 10.63 22.63
N VAL B 5 14.04 10.56 21.46
CA VAL B 5 12.70 11.12 21.28
C VAL B 5 12.02 10.20 20.24
N ASP B 6 10.76 9.88 20.44
CA ASP B 6 10.00 9.09 19.51
C ASP B 6 8.55 9.53 19.55
N TRP B 7 8.15 10.36 18.58
CA TRP B 7 6.80 10.92 18.59
C TRP B 7 5.70 9.87 18.37
N ARG B 8 6.04 8.68 17.87
CA ARG B 8 4.98 7.68 17.75
C ARG B 8 4.43 7.25 19.12
N GLU B 9 5.31 7.23 20.13
CA GLU B 9 4.92 6.92 21.54
C GLU B 9 3.94 7.94 22.11
N LYS B 10 4.11 9.17 21.60
CA LYS B 10 3.35 10.30 22.08
C LYS B 10 2.00 10.49 21.43
N GLY B 11 1.65 9.67 20.44
CA GLY B 11 0.37 9.74 19.85
C GLY B 11 0.30 10.76 18.71
N ALA B 12 1.45 11.21 18.21
CA ALA B 12 1.53 12.29 17.17
C ALA B 12 1.66 11.75 15.75
N VAL B 13 1.65 10.42 15.61
CA VAL B 13 1.93 9.78 14.27
C VAL B 13 0.84 8.76 13.92
N THR B 14 0.19 8.93 12.74
CA THR B 14 -0.79 7.99 12.21
C THR B 14 -0.08 6.73 11.64
N PRO B 15 -0.85 5.69 11.38
CA PRO B 15 -0.30 4.48 10.79
C PRO B 15 0.38 4.72 9.46
N VAL B 16 1.32 3.84 9.13
CA VAL B 16 2.10 3.98 7.87
C VAL B 16 1.12 3.85 6.65
N LYS B 17 1.33 4.69 5.68
CA LYS B 17 0.55 4.76 4.48
C LYS B 17 1.36 4.26 3.25
N ASP B 18 0.70 4.18 2.08
CA ASP B 18 1.24 3.63 0.87
C ASP B 18 0.90 4.58 -0.29
N GLN B 19 1.89 5.29 -0.77
CA GLN B 19 1.68 6.21 -1.93
C GLN B 19 1.44 5.48 -3.27
N GLY B 20 1.77 4.19 -3.31
CA GLY B 20 1.68 3.41 -4.53
C GLY B 20 2.54 3.89 -5.62
N GLN B 21 2.08 3.79 -6.87
CA GLN B 21 2.93 4.15 -8.03
C GLN B 21 2.79 5.61 -8.46
N CYS B 22 2.63 6.50 -7.49
CA CYS B 22 2.41 7.92 -7.70
C CYS B 22 3.64 8.54 -7.00
N GLY B 23 4.33 9.50 -7.64
CA GLY B 23 5.37 10.30 -7.03
C GLY B 23 4.84 11.41 -6.08
N SER B 24 4.13 10.99 -5.09
CA SER B 24 3.42 11.83 -4.14
C SER B 24 4.04 11.82 -2.74
N CSX B 25 5.29 11.36 -2.61
CA CSX B 25 5.92 11.40 -1.31
CB CSX B 25 7.26 10.67 -1.18
SG CSX B 25 8.36 10.96 -2.42
C CSX B 25 5.98 12.77 -0.69
O CSX B 25 5.84 12.88 0.53
OD CSX B 25 8.35 12.33 -2.71
N TRP B 26 6.08 13.83 -1.51
CA TRP B 26 6.07 15.19 -1.01
C TRP B 26 4.75 15.50 -0.32
N ALA B 27 3.64 14.92 -0.80
CA ALA B 27 2.31 15.15 -0.17
C ALA B 27 2.19 14.33 1.09
N PHE B 28 2.69 13.09 1.09
CA PHE B 28 2.69 12.24 2.34
C PHE B 28 3.53 12.90 3.47
N SER B 29 4.69 13.44 3.09
CA SER B 29 5.65 14.11 4.04
C SER B 29 4.92 15.34 4.63
N THR B 30 4.28 16.13 3.76
CA THR B 30 3.56 17.29 4.23
C THR B 30 2.45 16.95 5.20
N ILE B 31 1.61 16.02 4.76
CA ILE B 31 0.44 15.61 5.51
C ILE B 31 0.91 14.98 6.88
N GLY B 32 1.90 14.09 6.88
CA GLY B 32 2.41 13.49 8.09
C GLY B 32 2.81 14.59 9.07
N ASN B 33 3.52 15.58 8.58
CA ASN B 33 3.93 16.68 9.43
C ASN B 33 2.70 17.40 10.00
N ILE B 34 1.72 17.74 9.15
CA ILE B 34 0.58 18.50 9.67
C ILE B 34 -0.19 17.63 10.70
N GLU B 35 -0.28 16.32 10.46
CA GLU B 35 -1.01 15.40 11.34
C GLU B 35 -0.39 15.53 12.74
N GLY B 36 0.98 15.54 12.76
CA GLY B 36 1.74 15.62 13.99
C GLY B 36 1.60 16.97 14.67
N GLN B 37 1.69 18.05 13.89
CA GLN B 37 1.64 19.38 14.44
C GLN B 37 0.23 19.67 15.00
N TRP B 38 -0.81 19.21 14.29
CA TRP B 38 -2.16 19.31 14.77
C TRP B 38 -2.40 18.64 16.14
N GLN B 39 -1.85 17.44 16.29
CA GLN B 39 -1.95 16.64 17.50
C GLN B 39 -1.18 17.27 18.65
N VAL B 40 0.06 17.66 18.36
CA VAL B 40 0.89 18.28 19.35
C VAL B 40 0.33 19.62 19.87
N ALA B 41 -0.43 20.34 19.00
CA ALA B 41 -1.10 21.58 19.42
C ALA B 41 -2.25 21.29 20.37
N GLY B 42 -2.60 20.01 20.58
CA GLY B 42 -3.59 19.57 21.53
C GLY B 42 -4.93 19.14 21.00
N ASN B 43 -5.01 18.85 19.69
CA ASN B 43 -6.21 18.30 19.09
C ASN B 43 -6.07 16.79 18.97
N PRO B 44 -7.19 16.08 18.83
CA PRO B 44 -7.05 14.65 18.67
C PRO B 44 -6.39 14.27 17.40
N LEU B 45 -5.62 13.21 17.46
CA LEU B 45 -5.00 12.75 16.26
C LEU B 45 -6.07 12.45 15.15
N VAL B 46 -5.83 12.98 13.96
CA VAL B 46 -6.69 12.72 12.82
C VAL B 46 -5.83 12.51 11.56
N SER B 47 -6.19 11.49 10.78
CA SER B 47 -5.52 11.23 9.51
C SER B 47 -6.09 12.28 8.47
N LEU B 48 -5.15 12.88 7.72
CA LEU B 48 -5.44 13.92 6.76
C LEU B 48 -5.15 13.51 5.37
N SER B 49 -5.64 14.31 4.38
CA SER B 49 -5.79 13.87 2.99
C SER B 49 -4.57 14.31 2.10
N GLU B 50 -3.77 13.28 1.68
CA GLU B 50 -2.75 13.49 0.67
C GLU B 50 -3.38 13.76 -0.73
N GLN B 51 -4.55 13.17 -0.97
CA GLN B 51 -5.23 13.35 -2.23
C GLN B 51 -5.55 14.79 -2.53
N MET B 52 -5.99 15.52 -1.50
CA MET B 52 -6.24 16.93 -1.60
C MET B 52 -5.06 17.60 -2.27
N LEU B 53 -3.86 17.29 -1.79
CA LEU B 53 -2.69 17.88 -2.38
C LEU B 53 -2.37 17.41 -3.79
N VAL B 54 -2.38 16.13 -4.00
CA VAL B 54 -2.11 15.56 -5.30
C VAL B 54 -3.03 16.14 -6.35
N SER B 55 -4.29 16.27 -6.00
CA SER B 55 -5.27 16.74 -7.01
C SER B 55 -5.45 18.27 -7.09
N CYS B 56 -5.28 18.97 -5.98
CA CYS B 56 -5.67 20.37 -5.95
C CYS B 56 -4.54 21.36 -5.89
N ASP B 57 -3.36 20.97 -5.40
CA ASP B 57 -2.21 21.85 -5.26
C ASP B 57 -1.65 22.14 -6.61
N THR B 58 -1.87 23.39 -7.04
CA THR B 58 -1.49 23.85 -8.36
C THR B 58 -0.02 24.27 -8.47
N ILE B 59 0.70 24.31 -7.35
CA ILE B 59 2.12 24.68 -7.36
C ILE B 59 2.97 23.46 -7.63
N ASP B 60 2.51 22.34 -7.11
CA ASP B 60 3.20 21.07 -7.23
C ASP B 60 2.66 20.30 -8.45
N PHE B 61 3.20 19.11 -8.67
CA PHE B 61 3.02 18.39 -9.96
C PHE B 61 2.24 17.06 -9.88
N GLY B 62 1.33 16.92 -8.91
CA GLY B 62 0.58 15.65 -8.67
C GLY B 62 1.49 14.47 -8.43
N CYS B 63 1.32 13.41 -9.26
CA CYS B 63 2.20 12.26 -9.11
C CYS B 63 3.57 12.52 -9.70
N GLY B 64 3.74 13.67 -10.32
CA GLY B 64 5.00 13.99 -10.95
C GLY B 64 6.00 14.47 -9.95
N GLY B 65 5.57 14.85 -8.76
CA GLY B 65 6.53 15.35 -7.77
C GLY B 65 6.14 16.68 -7.17
N GLY B 66 6.91 17.16 -6.22
CA GLY B 66 6.55 18.40 -5.52
C GLY B 66 7.48 18.66 -4.38
N LEU B 67 7.28 19.76 -3.69
CA LEU B 67 8.07 20.14 -2.55
C LEU B 67 7.15 20.44 -1.38
N MET B 68 7.56 20.00 -0.21
CA MET B 68 6.71 20.21 1.00
C MET B 68 6.48 21.72 1.21
N ASP B 69 7.47 22.55 1.00
CA ASP B 69 7.23 23.97 1.19
C ASP B 69 6.16 24.53 0.23
N ASN B 70 6.18 24.09 -1.03
CA ASN B 70 5.15 24.51 -1.94
C ASN B 70 3.78 24.04 -1.45
N ALA B 71 3.69 22.84 -0.91
CA ALA B 71 2.41 22.33 -0.40
C ALA B 71 1.87 23.18 0.76
N PHE B 72 2.75 23.51 1.71
CA PHE B 72 2.40 24.34 2.82
C PHE B 72 1.91 25.70 2.28
N ASN B 73 2.62 26.26 1.30
CA ASN B 73 2.24 27.57 0.70
C ASN B 73 0.86 27.46 0.05
N TRP B 74 0.61 26.40 -0.71
CA TRP B 74 -0.71 26.24 -1.33
C TRP B 74 -1.80 26.13 -0.27
N ILE B 75 -1.56 25.32 0.76
CA ILE B 75 -2.61 25.17 1.81
C ILE B 75 -3.03 26.54 2.40
N VAL B 76 -2.03 27.30 2.80
CA VAL B 76 -2.24 28.53 3.48
C VAL B 76 -2.78 29.59 2.53
N ASN B 77 -2.17 29.76 1.38
CA ASN B 77 -2.49 30.92 0.48
C ASN B 77 -3.64 30.65 -0.48
N SER B 78 -3.87 29.38 -0.73
CA SER B 78 -4.89 28.97 -1.68
C SER B 78 -6.02 28.19 -1.10
N ASN B 79 -5.88 27.59 0.07
CA ASN B 79 -6.97 26.81 0.68
C ASN B 79 -7.34 27.29 2.07
N GLY B 80 -7.06 28.53 2.38
CA GLY B 80 -7.62 29.04 3.61
C GLY B 80 -6.88 28.51 4.84
N GLY B 81 -5.75 27.80 4.68
CA GLY B 81 -5.08 27.08 5.79
C GLY B 81 -5.67 25.70 6.08
N ASN B 82 -6.72 25.33 5.36
CA ASN B 82 -7.44 24.12 5.72
C ASN B 82 -6.91 22.82 5.08
N VAL B 83 -7.07 21.73 5.83
CA VAL B 83 -6.68 20.40 5.33
C VAL B 83 -7.81 19.44 5.55
N PHE B 84 -8.28 18.84 4.47
CA PHE B 84 -9.37 17.87 4.60
C PHE B 84 -8.93 16.54 5.27
N THR B 85 -9.88 15.89 5.87
CA THR B 85 -9.60 14.56 6.46
C THR B 85 -9.37 13.48 5.39
N GLU B 86 -8.58 12.47 5.75
CA GLU B 86 -8.35 11.31 4.89
C GLU B 86 -9.71 10.59 4.64
N ALA B 87 -10.50 10.40 5.69
CA ALA B 87 -11.74 9.69 5.57
C ALA B 87 -12.67 10.36 4.51
N SER B 88 -12.73 11.70 4.51
CA SER B 88 -13.64 12.38 3.58
C SER B 88 -13.02 12.66 2.26
N TYR B 89 -11.67 12.52 2.12
CA TYR B 89 -11.06 12.73 0.83
C TYR B 89 -9.98 11.65 0.65
N PRO B 90 -10.39 10.42 0.31
CA PRO B 90 -9.47 9.29 0.35
C PRO B 90 -8.45 9.27 -0.80
N TYR B 91 -7.33 8.58 -0.55
CA TYR B 91 -6.28 8.43 -1.50
C TYR B 91 -6.62 7.41 -2.63
N VAL B 92 -6.72 7.94 -3.80
CA VAL B 92 -7.08 7.18 -5.00
C VAL B 92 -6.01 7.25 -6.08
N SER B 93 -4.86 7.83 -5.79
CA SER B 93 -3.78 7.98 -6.80
C SER B 93 -2.69 6.90 -6.80
N GLY B 94 -2.95 5.85 -6.10
CA GLY B 94 -2.05 4.75 -5.95
C GLY B 94 -1.64 3.98 -7.23
N ASN B 95 -2.36 4.17 -8.35
CA ASN B 95 -1.90 3.65 -9.67
C ASN B 95 -1.26 4.68 -10.57
N GLY B 96 -1.06 5.86 -10.03
CA GLY B 96 -0.38 6.94 -10.70
C GLY B 96 -1.23 7.89 -11.52
N GLU B 97 -2.55 7.81 -11.34
CA GLU B 97 -3.57 8.67 -11.90
C GLU B 97 -3.84 9.82 -11.02
N GLN B 98 -4.17 10.93 -11.68
CA GLN B 98 -4.46 12.20 -10.99
C GLN B 98 -5.89 12.57 -11.24
N PRO B 99 -6.75 12.30 -10.26
CA PRO B 99 -8.15 12.78 -10.48
C PRO B 99 -8.26 14.31 -10.33
N GLN B 100 -9.37 14.83 -10.81
CA GLN B 100 -9.60 16.22 -10.74
C GLN B 100 -9.69 16.67 -9.31
N CYS B 101 -9.37 17.94 -9.12
CA CYS B 101 -9.60 18.57 -7.79
C CYS B 101 -11.06 18.59 -7.42
N GLN B 102 -11.42 18.11 -6.24
CA GLN B 102 -12.82 18.11 -5.78
C GLN B 102 -12.83 18.87 -4.47
N MET B 103 -13.31 20.11 -4.49
CA MET B 103 -13.25 20.91 -3.27
C MET B 103 -14.51 20.75 -2.40
N ASN B 104 -15.58 20.18 -2.95
CA ASN B 104 -16.88 20.02 -2.29
C ASN B 104 -17.02 18.64 -1.65
N GLY B 105 -17.81 18.51 -0.60
CA GLY B 105 -18.18 17.20 -0.06
C GLY B 105 -17.17 16.58 0.90
N HIS B 106 -16.24 17.39 1.44
CA HIS B 106 -15.29 16.88 2.42
C HIS B 106 -15.47 17.48 3.81
N GLU B 107 -14.69 16.99 4.78
CA GLU B 107 -14.70 17.50 6.17
C GLU B 107 -13.30 18.08 6.37
N ILE B 108 -13.21 19.26 6.99
CA ILE B 108 -11.93 19.84 7.33
C ILE B 108 -11.45 19.22 8.59
N GLY B 109 -10.26 18.64 8.55
CA GLY B 109 -9.69 18.05 9.78
C GLY B 109 -8.71 18.88 10.58
N ALA B 110 -7.99 19.81 9.94
CA ALA B 110 -6.87 20.56 10.56
C ALA B 110 -6.76 21.84 9.84
N ALA B 111 -6.11 22.83 10.47
CA ALA B 111 -5.75 24.07 9.78
C ALA B 111 -4.37 24.55 10.24
N ILE B 112 -3.65 25.16 9.32
CA ILE B 112 -2.33 25.68 9.62
C ILE B 112 -2.29 27.14 9.20
N THR B 113 -1.35 27.88 9.76
CA THR B 113 -1.18 29.31 9.42
C THR B 113 0.10 29.67 8.67
N ASP B 114 1.10 28.78 8.68
CA ASP B 114 2.37 29.12 8.11
C ASP B 114 3.21 27.87 8.03
N HIS B 115 4.45 28.03 7.59
CA HIS B 115 5.44 26.99 7.75
C HIS B 115 6.77 27.57 7.99
N VAL B 116 7.67 26.76 8.55
CA VAL B 116 9.01 27.23 8.86
C VAL B 116 10.02 26.25 8.26
N ASP B 117 11.13 26.81 7.83
CA ASP B 117 12.30 26.00 7.37
C ASP B 117 13.39 26.00 8.40
N LEU B 118 13.97 24.84 8.70
CA LEU B 118 14.99 24.70 9.70
C LEU B 118 16.38 24.86 9.10
N PRO B 119 17.35 25.24 9.92
CA PRO B 119 18.71 25.31 9.38
C PRO B 119 19.25 23.91 9.08
N GLN B 120 20.28 23.92 8.26
CA GLN B 120 21.00 22.69 7.82
C GLN B 120 22.03 22.28 8.84
N ASP B 121 21.54 21.79 9.97
CA ASP B 121 22.29 21.59 11.23
C ASP B 121 21.61 20.53 12.01
N GLU B 122 22.20 19.34 12.06
CA GLU B 122 21.47 18.18 12.66
C GLU B 122 21.20 18.33 14.17
N ASP B 123 22.12 18.99 14.88
CA ASP B 123 21.85 19.35 16.28
C ASP B 123 20.61 20.23 16.46
N ALA B 124 20.55 21.29 15.66
CA ALA B 124 19.43 22.20 15.70
C ALA B 124 18.16 21.44 15.34
N ILE B 125 18.25 20.57 14.33
CA ILE B 125 17.04 19.80 13.92
C ILE B 125 16.50 18.92 15.05
N ALA B 126 17.42 18.25 15.70
CA ALA B 126 17.11 17.34 16.79
C ALA B 126 16.40 18.08 17.92
N ALA B 127 16.92 19.23 18.28
CA ALA B 127 16.33 20.01 19.38
C ALA B 127 14.94 20.50 19.01
N TYR B 128 14.76 20.94 17.76
CA TYR B 128 13.46 21.42 17.29
C TYR B 128 12.46 20.28 17.28
N LEU B 129 12.86 19.14 16.74
CA LEU B 129 12.04 17.96 16.81
C LEU B 129 11.57 17.55 18.22
N ALA B 130 12.52 17.52 19.15
CA ALA B 130 12.22 17.15 20.52
C ALA B 130 11.08 17.98 21.12
N GLU B 131 11.06 19.26 20.75
CA GLU B 131 10.21 20.23 21.36
C GLU B 131 8.90 20.34 20.57
N ASN B 132 8.94 20.16 19.25
CA ASN B 132 7.82 20.60 18.42
C ASN B 132 7.05 19.48 17.68
N GLY B 133 7.63 18.32 17.56
CA GLY B 133 6.92 17.24 16.88
C GLY B 133 7.53 16.81 15.56
N PRO B 134 6.87 15.88 14.84
CA PRO B 134 7.43 15.34 13.61
C PRO B 134 7.67 16.40 12.54
N LEU B 135 8.76 16.29 11.83
CA LEU B 135 9.18 17.24 10.81
C LEU B 135 9.17 16.66 9.43
N ALA B 136 8.85 17.48 8.43
CA ALA B 136 8.92 17.06 7.07
C ALA B 136 10.38 17.19 6.62
N ILE B 137 10.94 16.16 6.03
CA ILE B 137 12.30 16.24 5.51
C ILE B 137 12.43 15.66 4.12
N ALA B 138 13.44 16.12 3.40
CA ALA B 138 13.80 15.52 2.11
C ALA B 138 15.06 14.68 2.21
N VAL B 139 15.12 13.58 1.43
CA VAL B 139 16.30 12.71 1.45
C VAL B 139 16.61 12.28 0.02
N ASP B 140 17.86 11.83 -0.19
CA ASP B 140 18.19 10.94 -1.31
C ASP B 140 17.72 9.54 -0.93
N ALA B 141 16.73 9.01 -1.66
CA ALA B 141 16.14 7.71 -1.34
C ALA B 141 16.79 6.53 -2.11
N THR B 142 17.90 6.75 -2.81
CA THR B 142 18.62 5.67 -3.50
C THR B 142 18.83 4.40 -2.64
N SER B 143 19.33 4.59 -1.42
CA SER B 143 19.63 3.47 -0.54
C SER B 143 18.38 2.88 0.09
N PHE B 144 17.25 3.60 0.00
CA PHE B 144 15.99 3.09 0.55
C PHE B 144 15.50 1.86 -0.19
N MET B 145 15.78 1.80 -1.49
CA MET B 145 15.28 0.75 -2.32
C MET B 145 15.77 -0.61 -1.79
N ASP B 146 17.01 -0.70 -1.33
CA ASP B 146 17.61 -1.95 -0.88
C ASP B 146 17.46 -2.16 0.62
N TYR B 147 16.75 -1.30 1.32
CA TYR B 147 16.82 -1.33 2.77
C TYR B 147 15.89 -2.38 3.29
N ASN B 148 16.41 -3.20 4.22
CA ASN B 148 15.60 -4.27 4.80
C ASN B 148 15.58 -4.22 6.33
N GLY B 149 16.16 -3.21 6.97
CA GLY B 149 16.19 -3.12 8.41
C GLY B 149 17.60 -2.72 8.86
N GLY B 150 17.70 -2.25 10.11
CA GLY B 150 18.95 -1.86 10.71
C GLY B 150 19.14 -0.37 10.59
N ILE B 151 20.31 0.11 10.99
CA ILE B 151 20.66 1.54 10.93
C ILE B 151 21.58 1.73 9.71
N LEU B 152 21.05 2.43 8.74
CA LEU B 152 21.85 2.75 7.57
C LEU B 152 22.99 3.72 7.89
N THR B 153 24.21 3.33 7.58
CA THR B 153 25.32 4.24 7.79
C THR B 153 26.09 4.62 6.51
N SER B 154 25.73 4.04 5.37
CA SER B 154 26.34 4.47 4.14
C SER B 154 25.32 4.85 3.09
N CYS B 155 24.35 5.67 3.47
CA CYS B 155 23.30 6.11 2.61
C CYS B 155 23.88 6.93 1.42
N THR B 156 23.47 6.59 0.19
CA THR B 156 23.80 7.41 -0.98
C THR B 156 23.30 8.78 -0.75
N SER B 157 24.18 9.76 -0.90
CA SER B 157 23.87 11.13 -0.53
C SER B 157 24.23 12.13 -1.64
N GLU B 158 23.56 11.97 -2.78
CA GLU B 158 23.90 12.74 -3.98
C GLU B 158 22.89 13.80 -4.35
N GLN B 159 21.63 13.44 -4.29
CA GLN B 159 20.58 14.33 -4.79
C GLN B 159 19.28 14.05 -4.01
N LEU B 160 18.66 15.11 -3.49
CA LEU B 160 17.41 14.97 -2.79
C LEU B 160 16.32 14.60 -3.80
N ASP B 161 15.50 13.62 -3.51
CA ASP B 161 14.48 13.24 -4.45
C ASP B 161 13.25 12.62 -3.78
N HIS B 162 13.18 12.58 -2.44
CA HIS B 162 12.06 11.90 -1.75
C HIS B 162 11.73 12.65 -0.45
N GLY B 163 10.46 12.87 -0.18
CA GLY B 163 10.04 13.50 1.04
C GLY B 163 9.61 12.39 1.98
N VAL B 164 9.99 12.55 3.24
CA VAL B 164 9.67 11.62 4.32
C VAL B 164 9.37 12.36 5.61
N LEU B 165 9.07 11.62 6.68
CA LEU B 165 8.69 12.25 7.94
C LEU B 165 9.65 11.85 9.03
N LEU B 166 10.30 12.84 9.64
CA LEU B 166 11.24 12.60 10.72
C LEU B 166 10.42 12.53 12.04
N VAL B 167 10.51 11.41 12.75
CA VAL B 167 9.66 11.27 13.93
C VAL B 167 10.45 11.04 15.25
N GLY B 168 11.77 10.89 15.20
CA GLY B 168 12.47 10.68 16.46
C GLY B 168 13.94 10.57 16.23
N TYR B 169 14.69 10.29 17.31
CA TYR B 169 16.09 9.96 17.22
C TYR B 169 16.49 9.24 18.50
N ASN B 170 17.67 8.66 18.46
CA ASN B 170 18.29 8.01 19.67
C ASN B 170 19.80 8.29 19.66
N ASP B 171 20.21 9.16 20.58
CA ASP B 171 21.64 9.45 20.73
C ASP B 171 22.35 8.42 21.60
N ALA B 172 21.60 7.60 22.32
CA ALA B 172 22.12 6.53 23.16
C ALA B 172 22.21 5.21 22.34
N SER B 173 22.89 5.28 21.18
CA SER B 173 23.09 4.17 20.34
C SER B 173 24.45 4.42 19.73
N ASN B 174 25.13 3.33 19.46
CA ASN B 174 26.38 3.36 18.76
C ASN B 174 26.13 2.61 17.45
N PRO B 175 25.91 3.34 16.33
CA PRO B 175 25.84 4.83 16.28
C PRO B 175 24.47 5.43 16.60
N PRO B 176 24.43 6.75 16.78
CA PRO B 176 23.16 7.40 16.99
C PRO B 176 22.37 7.35 15.69
N TYR B 177 21.06 7.40 15.80
CA TYR B 177 20.20 7.38 14.61
C TYR B 177 18.95 8.24 14.69
N TRP B 178 18.48 8.61 13.51
CA TRP B 178 17.16 9.13 13.31
C TRP B 178 16.16 8.05 13.01
N ILE B 179 14.91 8.33 13.30
CA ILE B 179 13.78 7.51 12.98
C ILE B 179 12.90 8.21 11.97
N ILE B 180 12.64 7.55 10.86
CA ILE B 180 11.93 8.16 9.71
C ILE B 180 10.76 7.29 9.28
N LYS B 181 9.58 7.89 9.20
CA LYS B 181 8.37 7.24 8.64
C LYS B 181 8.32 7.45 7.10
N ASN B 182 8.26 6.36 6.36
CA ASN B 182 8.17 6.43 4.96
C ASN B 182 6.72 6.17 4.54
N SER B 183 6.45 6.28 3.22
CA SER B 183 5.11 6.10 2.67
C SER B 183 5.08 4.98 1.59
N TRP B 184 5.82 3.91 1.90
CA TRP B 184 5.95 2.77 1.02
C TRP B 184 5.31 1.49 1.57
N SER B 185 4.31 1.67 2.42
CA SER B 185 3.61 0.56 3.11
C SER B 185 4.33 0.10 4.34
N ASN B 186 3.60 -0.67 5.14
CA ASN B 186 4.15 -1.27 6.35
C ASN B 186 4.96 -2.52 6.00
N MET B 187 4.97 -2.92 4.73
CA MET B 187 5.77 -4.08 4.33
CA MET B 187 5.72 -4.08 4.28
C MET B 187 7.18 -3.71 3.92
N TRP B 188 7.51 -2.45 3.87
CA TRP B 188 8.87 -2.02 3.52
C TRP B 188 9.61 -1.67 4.84
N GLY B 189 10.93 -1.93 4.93
CA GLY B 189 11.70 -1.47 6.01
C GLY B 189 11.28 -2.08 7.33
N GLU B 190 11.38 -1.28 8.40
CA GLU B 190 11.04 -1.75 9.76
C GLU B 190 9.57 -1.34 10.01
N ASP B 191 8.66 -2.16 9.55
CA ASP B 191 7.21 -1.90 9.62
C ASP B 191 6.89 -0.53 9.03
N GLY B 192 7.58 -0.22 7.96
CA GLY B 192 7.37 1.02 7.21
C GLY B 192 8.32 2.18 7.52
N TYR B 193 9.13 2.02 8.54
CA TYR B 193 10.09 2.97 9.03
C TYR B 193 11.52 2.57 8.66
N ILE B 194 12.42 3.53 8.71
CA ILE B 194 13.84 3.37 8.49
C ILE B 194 14.61 4.17 9.50
N ARG B 195 15.73 3.60 9.93
CA ARG B 195 16.68 4.28 10.77
C ARG B 195 17.92 4.56 10.00
N ILE B 196 18.36 5.82 10.11
CA ILE B 196 19.56 6.23 9.49
C ILE B 196 20.49 6.84 10.52
N GLU B 197 21.78 6.69 10.32
CA GLU B 197 22.75 7.28 11.25
C GLU B 197 22.55 8.84 11.37
N LYS B 198 22.67 9.31 12.60
CA LYS B 198 22.59 10.75 12.95
C LYS B 198 23.99 11.30 13.14
N GLY B 199 24.29 12.45 12.56
CA GLY B 199 25.58 13.03 12.79
C GLY B 199 26.44 13.13 11.57
N THR B 200 26.07 12.47 10.47
CA THR B 200 26.89 12.40 9.24
C THR B 200 26.12 12.84 8.00
N ASN B 201 25.11 13.65 8.21
CA ASN B 201 24.19 14.08 7.21
C ASN B 201 23.79 12.95 6.21
N GLN B 202 23.44 11.81 6.77
CA GLN B 202 23.03 10.69 5.94
C GLN B 202 21.86 11.02 5.03
N CYS B 203 22.02 10.61 3.75
CA CYS B 203 20.96 10.80 2.74
C CYS B 203 20.62 12.25 2.51
N LEU B 204 21.55 13.14 2.85
CA LEU B 204 21.30 14.58 2.81
C LEU B 204 20.15 15.10 3.68
N MET B 205 19.91 14.43 4.79
CA MET B 205 18.64 14.62 5.54
C MET B 205 18.55 16.02 6.19
N ASN B 206 19.67 16.71 6.33
CA ASN B 206 19.65 18.06 6.96
C ASN B 206 19.31 19.17 6.00
N GLN B 207 19.12 18.87 4.71
CA GLN B 207 19.15 19.93 3.72
C GLN B 207 17.87 20.68 3.56
N ALA B 208 16.72 20.04 3.84
CA ALA B 208 15.42 20.63 3.48
C ALA B 208 14.40 20.18 4.52
N VAL B 209 14.62 20.62 5.77
CA VAL B 209 13.76 20.26 6.87
C VAL B 209 12.79 21.40 7.09
N SER B 210 11.51 21.06 7.25
CA SER B 210 10.47 22.10 7.45
C SER B 210 9.30 21.59 8.28
N SER B 211 8.43 22.53 8.68
CA SER B 211 7.25 22.12 9.45
C SER B 211 6.17 23.14 9.27
N ALA B 212 4.94 22.66 9.27
CA ALA B 212 3.80 23.55 9.37
C ALA B 212 3.72 24.15 10.77
N VAL B 213 3.03 25.28 10.82
CA VAL B 213 2.74 26.01 12.02
C VAL B 213 1.25 26.02 12.18
N VAL B 214 0.82 25.47 13.30
CA VAL B 214 -0.59 25.47 13.68
C VAL B 214 -0.81 26.74 14.56
N GLY B 215 -1.64 27.61 14.07
CA GLY B 215 -1.85 28.92 14.71
C GLY B 215 -2.83 28.76 15.82
N GLY B 216 -3.40 29.87 16.28
CA GLY B 216 -4.33 29.81 17.44
C GLY B 216 -5.63 28.99 17.25
N PRO B 217 -6.18 28.42 18.36
CA PRO B 217 -7.41 27.60 18.26
C PRO B 217 -8.68 28.45 18.08
CL1 C2K C . -8.32 -20.51 1.09
CBB C2K C . -7.31 -19.95 2.46
CD2 C2K C . -7.20 -18.60 2.78
CG C2K C . -6.44 -18.22 3.87
CB C2K C . -6.32 -16.88 4.28
CD1 C2K C . -5.77 -19.17 4.65
CAK C2K C . -5.89 -20.54 4.34
CBE C2K C . -6.66 -20.91 3.22
OAX C2K C . -6.90 -22.22 2.85
CAQ C2K C . -7.02 -23.06 4.15
CAO C2K C . -8.31 -22.55 4.80
CAP C2K C . -8.35 -22.87 6.34
CAR C2K C . -9.58 -22.13 6.84
OAY C2K C . -9.18 -20.68 6.98
CBF C2K C . -10.14 -19.80 7.22
CAN C2K C . -11.50 -20.09 7.46
CBD C2K C . -12.42 -19.07 7.74
CBI C2K C . -13.82 -19.36 7.96
FAE C2K C . -14.10 -19.31 9.30
FAF C2K C . -14.09 -20.55 7.53
FAD C2K C . -14.66 -18.53 7.25
CAJ C2K C . -11.99 -17.75 7.80
CAL C2K C . -10.61 -17.48 7.57
CBG C2K C . -9.70 -18.46 7.24
CAZ C2K C . -8.34 -18.15 7.02
OAB C2K C . -7.40 -18.63 7.68
N C2K C . -8.10 -17.17 5.99
CA C2K C . -6.71 -16.70 5.75
C C2K C . -6.78 -15.31 6.17
O C2K C . -7.68 -14.60 5.76
NAW C2K C . -5.77 -14.85 6.97
CBJ C2K C . -5.64 -13.47 7.45
CAH C2K C . -5.22 -12.60 6.35
NAA C2K C . -4.71 -11.71 5.25
CAS C2K C . -4.92 -13.19 8.80
CAT C2K C . -6.46 -13.07 8.72
C1 EDO D . -12.47 -5.63 -24.45
O1 EDO D . -11.37 -6.53 -24.33
C2 EDO D . -12.00 -4.33 -25.06
O2 EDO D . -11.35 -3.56 -24.07
C1 EDO E . -21.66 -4.54 -16.79
O1 EDO E . -20.70 -3.98 -15.87
C2 EDO E . -22.48 -5.38 -15.84
O2 EDO E . -21.47 -5.67 -14.87
C1 EDO F . -26.04 -10.58 3.35
O1 EDO F . -24.96 -9.62 3.29
C2 EDO F . -27.44 -9.98 3.33
O2 EDO F . -28.37 -10.84 2.62
C1 EDO G . 17.15 -16.68 -11.37
O1 EDO G . 16.24 -15.59 -11.12
C2 EDO G . 16.36 -17.77 -12.07
O2 EDO G . 15.43 -17.05 -12.92
C1 EDO H . -29.41 -7.70 -5.80
O1 EDO H . -28.53 -8.37 -4.84
C2 EDO H . -28.63 -7.13 -7.00
O2 EDO H . -28.42 -5.68 -7.03
C1 EDO I . 1.62 -5.97 -13.87
O1 EDO I . 2.57 -5.89 -14.96
C2 EDO I . 0.19 -5.94 -14.41
O2 EDO I . -0.43 -4.69 -14.00
C1 EDO J . 22.29 -3.34 7.80
O1 EDO J . 22.55 -2.93 9.14
C2 EDO J . 22.37 -2.12 6.89
O2 EDO J . 21.13 -1.40 6.94
C1 EDO K . -7.64 27.90 8.46
O1 EDO K . -9.05 27.93 8.46
C2 EDO K . -7.06 29.11 9.16
O2 EDO K . -5.64 28.94 9.36
C1 EDO L . -0.89 30.04 -3.44
O1 EDO L . -0.85 28.79 -4.00
C2 EDO L . 0.50 30.61 -3.49
O2 EDO L . 1.27 30.51 -2.33
C1 EDO M . -2.03 20.46 -10.40
O1 EDO M . -0.88 19.63 -10.22
C2 EDO M . -3.19 19.88 -9.58
O2 EDO M . -4.39 20.66 -9.79
CL1 C2K N . 11.42 19.31 -0.29
CBB C2K N . 11.96 18.14 -1.38
CD2 C2K N . 11.05 17.14 -1.78
CG C2K N . 11.46 16.15 -2.66
CB C2K N . 10.54 15.16 -3.11
CD1 C2K N . 12.75 16.23 -3.16
CAK C2K N . 13.65 17.23 -2.80
CBE C2K N . 13.27 18.20 -1.87
OAX C2K N . 14.06 19.28 -1.45
CAQ C2K N . 15.10 19.68 -2.50
CAO C2K N . 14.37 20.19 -3.74
CAP C2K N . 15.15 19.82 -5.06
CAR C2K N . 14.19 20.17 -6.26
OAY C2K N . 13.10 19.21 -6.30
CBF C2K N . 11.84 19.48 -6.80
CAN C2K N . 11.46 20.74 -7.35
CBD C2K N . 10.16 20.95 -7.86
CBI C2K N . 9.75 22.26 -8.34
FAE C2K N . 9.39 22.23 -9.59
FAF C2K N . 10.83 23.36 -8.08
FAD C2K N . 8.63 22.68 -7.59
CAJ C2K N . 9.25 19.88 -7.85
CAL C2K N . 9.67 18.64 -7.36
CBG C2K N . 10.94 18.40 -6.80
CAZ C2K N . 11.27 17.07 -6.28
OAB C2K N . 12.27 16.40 -6.60
N C2K N . 10.38 16.46 -5.31
CA C2K N . 10.54 15.10 -4.68
C C2K N . 9.55 14.25 -5.23
O C2K N . 8.42 14.66 -5.36
NAW C2K N . 9.91 13.00 -5.67
CBJ C2K N . 8.96 12.05 -6.35
CAH C2K N . 8.21 11.23 -5.35
NAA C2K N . 7.54 10.44 -4.38
CAS C2K N . 9.36 11.45 -7.74
CAT C2K N . 8.28 12.53 -7.64
C1 EDO O . 5.07 1.21 -2.52
O1 EDO O . 3.81 1.12 -3.14
C2 EDO O . 5.49 2.64 -2.59
O2 EDO O . 5.64 3.11 -3.92
C1 EDO P . -10.78 21.67 12.96
O1 EDO P . -12.15 22.00 12.82
C2 EDO P . -10.10 22.22 11.73
O2 EDO P . -10.16 23.65 11.75
C1 EDO Q . -1.43 0.74 4.33
O1 EDO Q . -1.92 1.25 3.08
C2 EDO Q . 0.11 0.76 4.37
O2 EDO Q . 0.62 -0.59 4.43
C1 EDO R . 1.77 24.30 21.82
O1 EDO R . 3.04 24.97 21.98
C2 EDO R . 0.85 25.21 21.01
O2 EDO R . 1.02 25.02 19.58
C1 EDO S . -6.44 26.16 14.63
O1 EDO S . -5.54 25.68 15.59
C2 EDO S . -7.91 25.89 14.98
O2 EDO S . -8.63 25.68 13.73
C1 EDO T . 12.45 8.96 -5.08
O1 EDO T . 13.36 9.51 -4.10
C2 EDO T . 11.60 7.90 -4.39
O2 EDO T . 11.03 7.00 -5.36
C1 EDO U . 3.41 4.15 15.03
O1 EDO U . 4.21 3.03 15.51
C2 EDO U . 2.05 3.70 14.47
O2 EDO U . 1.13 4.81 14.53
#